data_5IU2
#
_entry.id   5IU2
#
_cell.length_a   65.480
_cell.length_b   87.430
_cell.length_c   125.120
_cell.angle_alpha   90.00
_cell.angle_beta   90.00
_cell.angle_gamma   90.00
#
_symmetry.space_group_name_H-M   'P 2 21 21'
#
loop_
_entity.id
_entity.type
_entity.pdbx_description
1 polymer 'Mitogen-activated protein kinase kinase kinase 8'
2 non-polymer N-[2-(morpholin-4-yl)ethyl]-6-(8-phenyl-1H-imidazo[4,5-c][1,7]naphthyridin-1-yl)-1,3-benzothiazol-2-amine
3 water water
#
_entity_poly.entity_id   1
_entity_poly.type   'polypeptide(L)'
_entity_poly.pdbx_seq_one_letter_code
;GPSGQEVPWLSSVRYGTVEDLLAFANHISNTAKHFYGQRPQESGILLNMVITPQNGRYQIDSDVLLIPWKLTYRNIGSDF
IPRGAFGKVYLAQDIKTKKRMACKLIPVDQFKPSDVEIQACFRHENIAELYGAVLWGETVHLFMEAGEGGSVLEKLESCG
PMREFEIIWVTKHVLKGLDFLHSKKVIHHDIKPSNIVFMSTKAVLVDFGLSVQMTEDVYFPKDLRGTEIYMSPEVILCRG
HSTKADIYSLGATLIHMQTGTPPWVKRYPRSAYPSYLYIIHKQAPPLEDIADDCSPGMRELIEASLERNPNHRPRAADLL
KHEALNPPREDQ
;
_entity_poly.pdbx_strand_id   A,B
#
# COMPACT_ATOMS: atom_id res chain seq x y z
N LEU A 10 -26.97 11.79 0.56
CA LEU A 10 -26.99 10.63 1.43
C LEU A 10 -27.37 9.36 0.68
N SER A 11 -28.37 9.46 -0.22
CA SER A 11 -28.88 8.35 -1.05
C SER A 11 -28.59 8.59 -2.55
N SER A 12 -28.21 9.84 -2.91
CA SER A 12 -27.88 10.26 -4.28
C SER A 12 -26.85 11.40 -4.25
N VAL A 13 -26.16 11.64 -5.38
CA VAL A 13 -25.18 12.72 -5.48
C VAL A 13 -25.93 14.01 -5.78
N ARG A 14 -25.59 15.06 -5.05
CA ARG A 14 -26.20 16.38 -5.18
C ARG A 14 -25.14 17.47 -5.09
N TYR A 15 -25.47 18.67 -5.58
CA TYR A 15 -24.59 19.83 -5.45
C TYR A 15 -24.77 20.35 -4.02
N GLY A 16 -23.67 20.75 -3.40
CA GLY A 16 -23.68 21.26 -2.04
C GLY A 16 -22.57 22.22 -1.71
N THR A 17 -22.56 22.66 -0.43
CA THR A 17 -21.60 23.59 0.14
C THR A 17 -20.48 22.81 0.84
N VAL A 18 -19.44 23.53 1.34
CA VAL A 18 -18.32 22.95 2.10
C VAL A 18 -18.90 22.29 3.37
N GLU A 19 -19.97 22.89 3.96
CA GLU A 19 -20.70 22.38 5.13
C GLU A 19 -21.36 21.02 4.83
N ASP A 20 -22.00 20.89 3.64
CA ASP A 20 -22.66 19.68 3.16
C ASP A 20 -21.64 18.56 2.92
N LEU A 21 -20.48 18.95 2.35
CA LEU A 21 -19.34 18.09 2.02
C LEU A 21 -18.75 17.49 3.29
N LEU A 22 -18.47 18.35 4.31
CA LEU A 22 -17.89 17.93 5.60
C LEU A 22 -18.82 17.05 6.43
N ALA A 23 -20.15 17.28 6.33
CA ALA A 23 -21.17 16.51 7.04
C ALA A 23 -21.24 15.09 6.48
N PHE A 24 -21.02 14.93 5.15
CA PHE A 24 -20.99 13.65 4.45
C PHE A 24 -19.75 12.87 4.85
N ALA A 25 -18.57 13.52 4.86
CA ALA A 25 -17.29 12.92 5.26
C ALA A 25 -17.33 12.33 6.67
N ASN A 26 -18.00 13.05 7.60
CA ASN A 26 -18.17 12.63 9.00
C ASN A 26 -19.11 11.42 9.13
N HIS A 27 -20.18 11.38 8.30
CA HIS A 27 -21.15 10.28 8.28
C HIS A 27 -20.52 8.96 7.79
N ILE A 28 -19.64 9.04 6.77
CA ILE A 28 -18.93 7.90 6.18
C ILE A 28 -18.00 7.24 7.21
N SER A 29 -17.33 8.06 8.04
CA SER A 29 -16.43 7.58 9.10
C SER A 29 -17.19 6.99 10.31
N ASN A 30 -18.54 7.13 10.33
CA ASN A 30 -19.43 6.62 11.38
C ASN A 30 -20.37 5.54 10.83
N PHE A 35 -20.94 -1.38 5.40
CA PHE A 35 -21.76 -2.52 5.03
C PHE A 35 -21.59 -2.89 3.55
N TYR A 36 -20.75 -3.91 3.29
CA TYR A 36 -20.45 -4.43 1.95
C TYR A 36 -21.46 -5.50 1.58
N GLY A 37 -21.68 -5.69 0.28
CA GLY A 37 -22.62 -6.68 -0.24
C GLY A 37 -23.97 -6.11 -0.64
N GLN A 38 -24.09 -4.77 -0.56
CA GLN A 38 -25.30 -4.02 -0.95
C GLN A 38 -25.09 -3.38 -2.32
N ARG A 39 -26.16 -3.25 -3.14
CA ARG A 39 -26.13 -2.66 -4.49
C ARG A 39 -25.39 -1.32 -4.52
N PRO A 40 -24.37 -1.17 -5.40
CA PRO A 40 -23.60 0.08 -5.39
C PRO A 40 -24.34 1.27 -5.96
N GLN A 41 -24.76 2.16 -5.07
CA GLN A 41 -25.48 3.39 -5.40
C GLN A 41 -24.59 4.58 -5.13
N GLU A 42 -24.78 5.64 -5.93
CA GLU A 42 -24.00 6.87 -5.77
C GLU A 42 -24.58 7.71 -4.62
N SER A 43 -23.70 8.45 -3.93
CA SER A 43 -23.99 9.37 -2.81
C SER A 43 -22.79 10.29 -2.61
N GLY A 44 -23.05 11.54 -2.26
CA GLY A 44 -21.99 12.53 -2.03
C GLY A 44 -22.35 13.95 -2.39
N ILE A 45 -21.37 14.86 -2.21
CA ILE A 45 -21.53 16.28 -2.46
C ILE A 45 -20.50 16.80 -3.47
N LEU A 46 -20.98 17.58 -4.45
CA LEU A 46 -20.12 18.21 -5.45
C LEU A 46 -20.08 19.72 -5.19
N LEU A 47 -18.86 20.25 -4.97
CA LEU A 47 -18.63 21.69 -4.72
C LEU A 47 -18.67 22.45 -6.05
N ASN A 48 -18.32 21.76 -7.15
CA ASN A 48 -18.28 22.28 -8.52
C ASN A 48 -19.03 21.32 -9.45
N MET A 49 -19.82 21.87 -10.40
CA MET A 49 -20.59 21.05 -11.35
C MET A 49 -19.68 20.62 -12.51
N VAL A 50 -18.93 19.54 -12.24
CA VAL A 50 -17.90 18.96 -13.10
C VAL A 50 -18.30 17.62 -13.77
N ILE A 51 -19.38 16.98 -13.28
CA ILE A 51 -19.90 15.73 -13.80
C ILE A 51 -21.29 16.00 -14.41
N THR A 52 -21.46 15.66 -15.70
CA THR A 52 -22.71 15.84 -16.45
C THR A 52 -23.79 14.89 -15.91
N PRO A 53 -24.94 15.39 -15.41
CA PRO A 53 -25.97 14.46 -14.91
C PRO A 53 -26.75 13.76 -16.02
N GLN A 54 -27.24 12.54 -15.74
CA GLN A 54 -28.05 11.72 -16.64
C GLN A 54 -29.29 11.27 -15.88
N ASN A 55 -30.48 11.68 -16.35
CA ASN A 55 -31.80 11.39 -15.76
C ASN A 55 -31.88 11.82 -14.29
N GLY A 56 -31.37 13.02 -14.02
CA GLY A 56 -31.36 13.65 -12.69
C GLY A 56 -30.48 12.96 -11.67
N ARG A 57 -29.44 12.25 -12.13
CA ARG A 57 -28.48 11.50 -11.30
C ARG A 57 -27.07 11.75 -11.79
N TYR A 58 -26.06 11.56 -10.93
CA TYR A 58 -24.65 11.67 -11.33
C TYR A 58 -24.05 10.25 -11.27
N GLN A 59 -24.17 9.52 -12.39
CA GLN A 59 -23.69 8.14 -12.50
C GLN A 59 -22.25 8.09 -12.99
N ILE A 60 -21.27 8.26 -12.07
CA ILE A 60 -19.83 8.26 -12.36
C ILE A 60 -19.36 6.94 -12.98
N ASP A 61 -20.00 5.81 -12.60
CA ASP A 61 -19.66 4.47 -13.12
C ASP A 61 -19.95 4.31 -14.62
N SER A 62 -20.92 5.07 -15.15
CA SER A 62 -21.32 5.02 -16.55
C SER A 62 -20.87 6.24 -17.35
N ASP A 63 -20.83 7.43 -16.69
CA ASP A 63 -20.51 8.71 -17.31
C ASP A 63 -19.11 9.29 -17.05
N VAL A 64 -18.35 8.74 -16.08
CA VAL A 64 -17.00 9.24 -15.79
C VAL A 64 -15.94 8.19 -16.15
N LEU A 65 -15.04 8.55 -17.08
CA LEU A 65 -13.93 7.71 -17.52
C LEU A 65 -12.86 7.82 -16.45
N LEU A 66 -12.52 6.69 -15.83
CA LEU A 66 -11.55 6.62 -14.75
C LEU A 66 -10.40 5.70 -15.14
N ILE A 67 -9.19 6.25 -15.25
CA ILE A 67 -7.97 5.51 -15.59
C ILE A 67 -6.82 5.79 -14.59
N PRO A 68 -6.02 4.77 -14.18
CA PRO A 68 -4.91 5.05 -13.24
C PRO A 68 -3.91 6.06 -13.80
N TRP A 69 -3.48 7.00 -12.96
CA TRP A 69 -2.52 8.04 -13.32
C TRP A 69 -1.16 7.69 -12.74
N LYS A 70 -0.28 7.17 -13.58
CA LYS A 70 1.07 6.78 -13.16
C LYS A 70 2.09 7.69 -13.85
N LEU A 71 3.15 8.06 -13.12
CA LEU A 71 4.24 8.90 -13.62
C LEU A 71 5.41 8.01 -14.02
N THR A 72 5.98 8.24 -15.21
CA THR A 72 7.12 7.48 -15.68
C THR A 72 8.39 8.09 -15.09
N TYR A 73 9.02 7.35 -14.17
CA TYR A 73 10.25 7.75 -13.50
C TYR A 73 11.38 7.12 -14.28
N ARG A 74 12.34 7.93 -14.76
CA ARG A 74 13.49 7.40 -15.49
C ARG A 74 14.83 7.62 -14.76
N ASN A 75 14.87 8.55 -13.79
CA ASN A 75 16.07 8.79 -12.99
C ASN A 75 16.01 8.02 -11.65
N GLY A 77 17.57 6.97 -9.08
CA GLY A 77 16.39 6.50 -8.36
C GLY A 77 15.63 7.61 -7.67
N SER A 78 14.95 8.45 -8.46
CA SER A 78 14.17 9.61 -8.01
C SER A 78 12.68 9.29 -7.71
N ASP A 79 12.36 8.01 -7.40
CA ASP A 79 10.98 7.59 -7.13
C ASP A 79 10.82 7.05 -5.71
N PHE A 80 10.40 7.91 -4.78
CA PHE A 80 10.22 7.52 -3.40
C PHE A 80 8.75 7.49 -2.98
N ILE A 81 8.30 6.30 -2.52
CA ILE A 81 6.93 6.02 -2.05
C ILE A 81 6.69 6.84 -0.76
N PRO A 82 5.62 7.66 -0.67
CA PRO A 82 5.40 8.44 0.56
C PRO A 82 4.98 7.57 1.75
N ARG A 83 5.62 7.82 2.90
CA ARG A 83 5.34 7.10 4.15
C ARG A 83 3.98 7.53 4.69
N GLY A 84 3.18 6.53 5.07
CA GLY A 84 1.84 6.75 5.61
C GLY A 84 0.81 7.17 4.58
N ALA A 85 1.13 7.02 3.28
CA ALA A 85 0.24 7.36 2.19
C ALA A 85 -0.70 6.19 1.91
N PHE A 86 -1.92 6.50 1.47
CA PHE A 86 -2.97 5.53 1.17
C PHE A 86 -3.75 6.00 -0.05
N GLY A 87 -4.50 5.08 -0.64
CA GLY A 87 -5.33 5.35 -1.81
C GLY A 87 -4.57 5.29 -3.12
N LYS A 88 -5.21 5.77 -4.20
CA LYS A 88 -4.65 5.77 -5.54
C LYS A 88 -5.05 7.01 -6.32
N VAL A 89 -4.13 7.49 -7.19
CA VAL A 89 -4.32 8.68 -8.04
C VAL A 89 -4.77 8.22 -9.43
N TYR A 90 -5.96 8.66 -9.83
CA TYR A 90 -6.56 8.34 -11.11
C TYR A 90 -6.84 9.62 -11.87
N LEU A 91 -6.86 9.53 -13.20
CA LEU A 91 -7.22 10.65 -14.07
C LEU A 91 -8.69 10.42 -14.40
N ALA A 92 -9.54 11.29 -13.90
CA ALA A 92 -10.99 11.23 -14.13
C ALA A 92 -11.36 12.17 -15.26
N GLN A 93 -12.25 11.72 -16.15
CA GLN A 93 -12.75 12.55 -17.25
C GLN A 93 -14.24 12.37 -17.49
N ASP A 94 -15.00 13.48 -17.43
CA ASP A 94 -16.44 13.47 -17.72
C ASP A 94 -16.56 13.21 -19.22
N ILE A 95 -17.07 12.04 -19.60
CA ILE A 95 -17.20 11.57 -20.99
C ILE A 95 -17.98 12.56 -21.90
N LYS A 96 -19.04 13.21 -21.38
CA LYS A 96 -19.87 14.16 -22.15
C LYS A 96 -19.16 15.47 -22.52
N THR A 97 -18.51 16.15 -21.54
CA THR A 97 -17.81 17.44 -21.76
C THR A 97 -16.33 17.28 -22.14
N LYS A 98 -15.74 16.10 -21.84
CA LYS A 98 -14.33 15.72 -22.04
C LYS A 98 -13.39 16.53 -21.13
N LYS A 99 -13.93 17.03 -19.99
CA LYS A 99 -13.17 17.81 -19.01
C LYS A 99 -12.33 16.88 -18.13
N ARG A 100 -11.02 17.18 -18.02
CA ARG A 100 -10.06 16.39 -17.24
C ARG A 100 -9.96 16.86 -15.81
N MET A 101 -9.84 15.90 -14.88
CA MET A 101 -9.74 16.13 -13.43
C MET A 101 -8.84 15.07 -12.83
N ALA A 102 -8.36 15.32 -11.61
CA ALA A 102 -7.58 14.35 -10.86
C ALA A 102 -8.59 13.67 -9.92
N CYS A 103 -8.38 12.40 -9.60
CA CYS A 103 -9.28 11.65 -8.73
C CYS A 103 -8.50 10.82 -7.73
N LYS A 104 -8.63 11.17 -6.44
CA LYS A 104 -7.99 10.45 -5.35
C LYS A 104 -9.01 9.42 -4.87
N LEU A 105 -8.75 8.12 -5.14
CA LEU A 105 -9.63 7.01 -4.77
C LEU A 105 -9.23 6.45 -3.41
N ILE A 106 -10.10 6.61 -2.39
CA ILE A 106 -9.89 6.16 -1.01
C ILE A 106 -11.01 5.18 -0.60
N PRO A 107 -10.72 4.01 0.02
CA PRO A 107 -11.81 3.11 0.45
C PRO A 107 -12.63 3.68 1.61
N VAL A 108 -13.85 3.17 1.83
CA VAL A 108 -14.79 3.60 2.89
C VAL A 108 -14.17 3.53 4.31
N ASP A 109 -13.55 2.39 4.67
CA ASP A 109 -12.94 2.16 5.99
C ASP A 109 -11.80 3.13 6.31
N GLN A 110 -11.01 3.53 5.29
CA GLN A 110 -9.87 4.44 5.42
C GLN A 110 -10.27 5.93 5.30
N PHE A 111 -11.46 6.20 4.74
CA PHE A 111 -11.94 7.58 4.55
C PHE A 111 -12.33 8.25 5.86
N LYS A 112 -11.81 9.47 6.06
CA LYS A 112 -12.01 10.33 7.22
C LYS A 112 -12.01 11.81 6.78
N PRO A 113 -12.50 12.71 7.65
CA PRO A 113 -12.85 14.09 7.21
C PRO A 113 -11.64 14.99 6.91
N SER A 114 -10.44 14.59 7.37
CA SER A 114 -9.19 15.33 7.16
C SER A 114 -8.69 15.29 5.71
N ASP A 115 -9.12 14.26 4.94
CA ASP A 115 -8.75 14.06 3.53
C ASP A 115 -9.32 15.12 2.58
N VAL A 116 -10.35 15.88 3.04
CA VAL A 116 -11.02 16.91 2.25
C VAL A 116 -10.98 18.30 2.88
N GLU A 117 -11.00 18.37 4.23
CA GLU A 117 -11.03 19.59 5.04
C GLU A 117 -10.12 20.73 4.56
N ILE A 118 -8.82 20.46 4.33
CA ILE A 118 -7.86 21.47 3.89
C ILE A 118 -8.24 22.11 2.54
N GLN A 119 -8.37 21.28 1.48
CA GLN A 119 -8.72 21.70 0.11
C GLN A 119 -10.11 22.32 -0.03
N ALA A 120 -11.07 21.91 0.82
CA ALA A 120 -12.45 22.40 0.79
C ALA A 120 -12.59 23.76 1.46
N CYS A 121 -11.93 23.97 2.62
CA CYS A 121 -12.02 25.21 3.40
C CYS A 121 -11.01 26.29 2.96
N PHE A 122 -9.78 25.91 2.61
CA PHE A 122 -8.74 26.87 2.24
C PHE A 122 -8.51 26.95 0.74
N ARG A 123 -9.05 28.02 0.11
CA ARG A 123 -8.95 28.25 -1.33
C ARG A 123 -7.98 29.37 -1.71
N HIS A 124 -7.05 29.06 -2.63
CA HIS A 124 -6.00 29.98 -3.13
C HIS A 124 -5.65 29.61 -4.56
N GLU A 125 -5.22 30.62 -5.35
CA GLU A 125 -4.82 30.45 -6.75
C GLU A 125 -3.75 29.39 -6.99
N ASN A 126 -2.77 29.29 -6.07
CA ASN A 126 -1.65 28.37 -6.18
C ASN A 126 -1.90 27.01 -5.48
N ILE A 127 -3.16 26.71 -5.15
CA ILE A 127 -3.62 25.47 -4.51
C ILE A 127 -4.67 24.84 -5.44
N ALA A 128 -4.65 23.50 -5.59
CA ALA A 128 -5.60 22.78 -6.45
C ALA A 128 -6.98 22.75 -5.81
N GLU A 129 -8.01 23.11 -6.58
CA GLU A 129 -9.39 23.15 -6.12
C GLU A 129 -9.98 21.74 -5.97
N LEU A 130 -10.81 21.56 -4.95
CA LEU A 130 -11.56 20.34 -4.68
C LEU A 130 -12.92 20.55 -5.36
N TYR A 131 -13.29 19.65 -6.29
CA TYR A 131 -14.55 19.74 -7.01
C TYR A 131 -15.68 18.98 -6.32
N GLY A 132 -15.34 17.95 -5.55
CA GLY A 132 -16.34 17.14 -4.85
C GLY A 132 -15.87 15.78 -4.39
N ALA A 133 -16.73 15.08 -3.64
CA ALA A 133 -16.51 13.74 -3.09
C ALA A 133 -17.72 12.85 -3.40
N VAL A 134 -17.49 11.78 -4.18
CA VAL A 134 -18.55 10.86 -4.62
C VAL A 134 -18.27 9.44 -4.14
N LEU A 135 -19.18 8.88 -3.32
CA LEU A 135 -19.11 7.50 -2.85
C LEU A 135 -19.92 6.60 -3.79
N TRP A 136 -19.24 5.60 -4.37
CA TRP A 136 -19.84 4.59 -5.23
C TRP A 136 -19.32 3.24 -4.77
N GLY A 137 -20.19 2.47 -4.13
CA GLY A 137 -19.87 1.15 -3.60
C GLY A 137 -18.94 1.25 -2.41
N GLU A 138 -17.74 0.64 -2.55
CA GLU A 138 -16.71 0.62 -1.50
C GLU A 138 -15.62 1.70 -1.67
N THR A 139 -15.72 2.55 -2.71
CA THR A 139 -14.73 3.59 -3.00
C THR A 139 -15.29 5.01 -2.95
N VAL A 140 -14.56 5.92 -2.28
CA VAL A 140 -14.85 7.35 -2.20
C VAL A 140 -13.95 8.03 -3.25
N HIS A 141 -14.56 8.77 -4.19
CA HIS A 141 -13.90 9.46 -5.30
C HIS A 141 -13.82 10.97 -5.05
N LEU A 142 -12.60 11.48 -4.86
CA LEU A 142 -12.30 12.89 -4.60
C LEU A 142 -11.86 13.58 -5.90
N PHE A 143 -12.81 14.20 -6.60
CA PHE A 143 -12.54 14.89 -7.86
C PHE A 143 -11.88 16.24 -7.57
N MET A 144 -10.72 16.48 -8.20
CA MET A 144 -9.90 17.68 -7.99
C MET A 144 -9.48 18.36 -9.30
N GLU A 145 -8.90 19.57 -9.19
CA GLU A 145 -8.36 20.36 -10.29
C GLU A 145 -7.12 19.63 -10.83
N ALA A 146 -7.00 19.56 -12.16
CA ALA A 146 -5.86 18.94 -12.83
C ALA A 146 -5.12 19.98 -13.65
N GLY A 147 -3.81 19.87 -13.65
CA GLY A 147 -2.92 20.75 -14.40
C GLY A 147 -2.71 20.25 -15.81
N GLU A 148 -3.23 21.01 -16.79
CA GLU A 148 -3.14 20.66 -18.21
C GLU A 148 -1.70 20.57 -18.74
N GLY A 149 -0.72 21.09 -17.98
CA GLY A 149 0.69 21.08 -18.34
C GLY A 149 1.58 20.08 -17.65
N GLY A 150 0.99 19.14 -16.89
CA GLY A 150 1.71 18.09 -16.19
C GLY A 150 2.44 18.55 -14.94
N SER A 151 3.25 17.64 -14.34
CA SER A 151 4.01 17.93 -13.12
C SER A 151 5.43 18.43 -13.40
N VAL A 152 6.11 19.02 -12.38
CA VAL A 152 7.49 19.52 -12.46
C VAL A 152 8.43 18.33 -12.72
N LEU A 153 8.13 17.18 -12.09
CA LEU A 153 8.87 15.93 -12.25
C LEU A 153 8.81 15.49 -13.72
N GLU A 154 7.60 15.49 -14.32
CA GLU A 154 7.39 15.12 -15.73
C GLU A 154 8.23 16.00 -16.64
N LYS A 155 8.29 17.32 -16.37
CA LYS A 155 9.11 18.31 -17.11
C LYS A 155 10.61 18.00 -16.97
N LEU A 156 11.05 17.58 -15.76
CA LEU A 156 12.44 17.23 -15.45
C LEU A 156 12.85 15.91 -16.12
N GLU A 157 11.96 14.90 -16.07
CA GLU A 157 12.22 13.57 -16.67
C GLU A 157 12.14 13.66 -18.18
N SER A 158 11.45 14.68 -18.72
CA SER A 158 11.29 14.90 -20.16
C SER A 158 12.42 15.73 -20.77
N CYS A 159 12.59 16.98 -20.28
CA CYS A 159 13.56 17.93 -20.85
C CYS A 159 14.82 18.15 -19.98
N GLY A 160 14.99 17.35 -18.95
CA GLY A 160 16.18 17.40 -18.10
C GLY A 160 16.16 18.48 -17.04
N PRO A 161 17.33 18.76 -16.39
CA PRO A 161 17.39 19.79 -15.35
C PRO A 161 16.92 21.15 -15.84
N MET A 162 16.11 21.83 -15.02
CA MET A 162 15.52 23.12 -15.31
C MET A 162 16.53 24.26 -15.26
N ARG A 163 16.33 25.26 -16.13
CA ARG A 163 17.14 26.47 -16.19
C ARG A 163 16.73 27.36 -15.04
N GLU A 164 17.66 28.19 -14.52
CA GLU A 164 17.42 29.05 -13.35
C GLU A 164 16.16 29.91 -13.44
N PHE A 165 15.87 30.51 -14.62
CA PHE A 165 14.69 31.35 -14.81
C PHE A 165 13.38 30.55 -14.67
N GLU A 166 13.41 29.26 -15.09
CA GLU A 166 12.27 28.35 -15.01
C GLU A 166 12.00 27.94 -13.56
N ILE A 167 13.08 27.83 -12.76
CA ILE A 167 13.02 27.50 -11.32
C ILE A 167 12.42 28.70 -10.58
N ILE A 168 12.93 29.93 -10.85
CA ILE A 168 12.46 31.19 -10.24
C ILE A 168 10.94 31.36 -10.44
N TRP A 169 10.44 31.08 -11.66
CA TRP A 169 9.03 31.16 -12.01
C TRP A 169 8.16 30.19 -11.20
N VAL A 170 8.63 28.93 -11.04
CA VAL A 170 7.93 27.89 -10.27
C VAL A 170 7.98 28.20 -8.78
N THR A 171 9.18 28.51 -8.25
CA THR A 171 9.45 28.83 -6.85
C THR A 171 8.61 30.02 -6.37
N LYS A 172 8.43 31.06 -7.21
CA LYS A 172 7.59 32.24 -6.90
C LYS A 172 6.14 31.80 -6.65
N HIS A 173 5.59 30.92 -7.52
CA HIS A 173 4.23 30.38 -7.43
C HIS A 173 4.07 29.43 -6.24
N VAL A 174 5.05 28.54 -6.01
CA VAL A 174 5.04 27.57 -4.91
C VAL A 174 5.03 28.30 -3.55
N LEU A 175 5.89 29.34 -3.41
CA LEU A 175 5.99 30.13 -2.20
C LEU A 175 4.71 30.90 -1.86
N LYS A 176 3.93 31.31 -2.87
CA LYS A 176 2.65 32.01 -2.68
C LYS A 176 1.61 31.04 -2.06
N GLY A 177 1.63 29.79 -2.52
CA GLY A 177 0.76 28.73 -2.03
C GLY A 177 1.17 28.29 -0.63
N LEU A 178 2.50 28.26 -0.37
CA LEU A 178 3.03 27.91 0.95
C LEU A 178 2.73 28.97 1.96
N ASP A 179 2.95 30.26 1.60
CA ASP A 179 2.65 31.44 2.41
C ASP A 179 1.19 31.44 2.86
N PHE A 180 0.27 31.07 1.95
CA PHE A 180 -1.17 30.95 2.19
C PHE A 180 -1.47 29.86 3.22
N LEU A 181 -0.96 28.65 2.98
CA LEU A 181 -1.18 27.50 3.86
C LEU A 181 -0.54 27.73 5.22
N HIS A 182 0.63 28.37 5.25
CA HIS A 182 1.37 28.68 6.46
C HIS A 182 0.71 29.77 7.28
N SER A 183 -0.07 30.66 6.63
CA SER A 183 -0.83 31.73 7.29
C SER A 183 -2.09 31.16 7.95
N LYS A 184 -2.60 30.03 7.40
CA LYS A 184 -3.77 29.30 7.90
C LYS A 184 -3.34 28.12 8.80
N LYS A 185 -2.06 28.15 9.25
CA LYS A 185 -1.39 27.15 10.12
C LYS A 185 -1.48 25.70 9.58
N VAL A 186 -1.39 25.53 8.26
CA VAL A 186 -1.47 24.23 7.60
C VAL A 186 -0.09 23.79 7.09
N ILE A 187 0.39 22.60 7.51
CA ILE A 187 1.65 22.03 7.01
C ILE A 187 1.25 21.07 5.88
N HIS A 188 1.76 21.29 4.65
CA HIS A 188 1.46 20.46 3.48
C HIS A 188 1.98 19.03 3.64
N HIS A 189 3.20 18.89 4.19
CA HIS A 189 3.91 17.64 4.53
C HIS A 189 4.47 16.83 3.33
N ASP A 190 4.19 17.22 2.07
CA ASP A 190 4.71 16.45 0.94
C ASP A 190 5.11 17.33 -0.27
N ILE A 191 6.01 18.30 -0.04
CA ILE A 191 6.48 19.15 -1.14
C ILE A 191 7.58 18.42 -1.90
N LYS A 192 7.26 18.03 -3.15
CA LYS A 192 8.15 17.33 -4.09
C LYS A 192 7.79 17.73 -5.52
N PRO A 193 8.72 17.64 -6.52
CA PRO A 193 8.37 18.05 -7.90
C PRO A 193 7.09 17.43 -8.49
N SER A 194 6.74 16.20 -8.04
CA SER A 194 5.54 15.50 -8.50
C SER A 194 4.25 16.08 -7.91
N ASN A 195 4.34 16.85 -6.83
CA ASN A 195 3.19 17.48 -6.17
C ASN A 195 3.04 18.98 -6.53
N ILE A 196 3.81 19.45 -7.53
CA ILE A 196 3.76 20.80 -8.11
C ILE A 196 3.40 20.61 -9.58
N VAL A 197 2.22 21.09 -10.00
CA VAL A 197 1.72 20.94 -11.37
C VAL A 197 1.65 22.27 -12.13
N PHE A 198 1.69 22.19 -13.47
CA PHE A 198 1.64 23.35 -14.36
C PHE A 198 0.27 23.63 -14.94
N MET A 199 -0.07 24.92 -15.00
CA MET A 199 -1.29 25.47 -15.59
C MET A 199 -0.80 26.36 -16.73
N SER A 200 -1.71 27.12 -17.39
CA SER A 200 -1.33 28.00 -18.49
C SER A 200 -0.61 29.28 -18.02
N THR A 201 -0.86 29.74 -16.76
CA THR A 201 -0.31 30.98 -16.21
C THR A 201 0.29 30.87 -14.79
N LYS A 202 0.24 29.66 -14.18
CA LYS A 202 0.70 29.45 -12.82
C LYS A 202 1.19 28.02 -12.56
N ALA A 203 1.83 27.81 -11.41
CA ALA A 203 2.26 26.52 -10.89
C ALA A 203 1.45 26.36 -9.60
N VAL A 204 0.84 25.17 -9.41
CA VAL A 204 -0.08 24.88 -8.32
C VAL A 204 0.37 23.66 -7.47
N LEU A 205 0.06 23.68 -6.15
CA LEU A 205 0.38 22.61 -5.20
C LEU A 205 -0.76 21.61 -5.11
N VAL A 206 -0.45 20.31 -5.26
CA VAL A 206 -1.42 19.21 -5.18
C VAL A 206 -1.08 18.24 -4.04
N ASP A 207 -1.89 17.17 -3.85
CA ASP A 207 -1.76 16.11 -2.85
C ASP A 207 -1.77 16.64 -1.42
N PHE A 208 -2.97 16.69 -0.82
CA PHE A 208 -3.19 17.19 0.52
C PHE A 208 -3.53 16.06 1.52
N GLY A 209 -3.19 14.83 1.14
CA GLY A 209 -3.42 13.62 1.92
C GLY A 209 -2.66 13.55 3.24
N LEU A 210 -1.43 14.10 3.27
CA LEU A 210 -0.59 14.10 4.46
C LEU A 210 -0.63 15.45 5.20
N SER A 211 -1.41 16.41 4.68
CA SER A 211 -1.57 17.74 5.25
C SER A 211 -2.32 17.78 6.58
N VAL A 212 -1.81 18.56 7.53
CA VAL A 212 -2.42 18.74 8.85
C VAL A 212 -2.62 20.22 9.18
N GLN A 213 -3.65 20.52 9.97
CA GLN A 213 -3.90 21.87 10.46
C GLN A 213 -3.36 21.92 11.90
N MET A 214 -2.44 22.86 12.16
CA MET A 214 -1.79 23.02 13.46
C MET A 214 -2.76 23.60 14.48
N THR A 215 -2.83 22.96 15.65
CA THR A 215 -3.66 23.39 16.77
C THR A 215 -2.84 24.34 17.62
N GLU A 216 -1.62 23.92 18.00
CA GLU A 216 -0.66 24.70 18.80
C GLU A 216 0.57 25.11 17.97
N ASP A 217 1.54 25.84 18.59
CA ASP A 217 2.75 26.36 17.94
C ASP A 217 3.69 25.29 17.40
N VAL A 218 3.66 24.09 18.01
CA VAL A 218 4.47 22.93 17.60
C VAL A 218 3.51 21.77 17.28
N TYR A 219 3.73 21.11 16.14
CA TYR A 219 2.94 19.95 15.73
C TYR A 219 3.68 18.68 16.12
N PHE A 220 3.00 17.81 16.89
CA PHE A 220 3.57 16.55 17.34
C PHE A 220 2.97 15.37 16.56
N PRO A 221 3.71 14.81 15.57
CA PRO A 221 3.14 13.69 14.80
C PRO A 221 3.14 12.37 15.56
N LYS A 222 2.14 11.53 15.30
CA LYS A 222 2.02 10.21 15.90
C LYS A 222 2.85 9.21 15.07
N ASP A 223 2.84 9.37 13.74
CA ASP A 223 3.57 8.51 12.80
C ASP A 223 4.50 9.33 11.88
N LEU A 224 5.54 8.67 11.32
CA LEU A 224 6.47 9.32 10.40
C LEU A 224 5.82 9.29 9.01
N ARG A 225 5.42 10.48 8.52
CA ARG A 225 4.75 10.64 7.24
C ARG A 225 5.52 11.56 6.29
N GLY A 226 5.40 11.28 4.99
CA GLY A 226 6.03 12.07 3.94
C GLY A 226 7.03 11.30 3.11
N THR A 227 7.74 12.01 2.21
CA THR A 227 8.77 11.44 1.33
C THR A 227 10.13 11.71 1.97
N GLU A 228 10.85 10.62 2.30
CA GLU A 228 12.12 10.59 3.02
C GLU A 228 13.25 11.50 2.51
N ILE A 229 13.48 11.57 1.18
CA ILE A 229 14.59 12.35 0.60
C ILE A 229 14.41 13.86 0.79
N TYR A 230 13.15 14.34 0.84
CA TYR A 230 12.83 15.77 1.02
C TYR A 230 12.60 16.13 2.49
N MET A 231 12.62 15.12 3.39
CA MET A 231 12.40 15.29 4.82
C MET A 231 13.49 16.07 5.52
N SER A 232 13.06 16.97 6.41
CA SER A 232 13.91 17.82 7.24
C SER A 232 14.45 17.00 8.43
N PRO A 233 15.55 17.42 9.11
CA PRO A 233 16.06 16.63 10.24
C PRO A 233 15.13 16.56 11.44
N GLU A 234 14.22 17.54 11.61
CA GLU A 234 13.28 17.58 12.74
C GLU A 234 12.04 16.67 12.51
N VAL A 235 11.64 16.45 11.25
CA VAL A 235 10.51 15.57 10.86
C VAL A 235 10.85 14.08 11.09
N ILE A 236 12.11 13.69 10.79
CA ILE A 236 12.62 12.33 10.99
C ILE A 236 12.58 11.96 12.48
N LEU A 237 13.00 12.88 13.36
CA LEU A 237 13.06 12.76 14.82
C LEU A 237 11.71 12.51 15.51
N CYS A 238 10.59 13.01 14.92
CA CYS A 238 9.21 12.92 15.43
C CYS A 238 9.02 13.55 16.84
N ARG A 239 9.91 14.49 17.21
CA ARG A 239 9.90 15.17 18.51
C ARG A 239 9.20 16.55 18.43
N GLY A 240 8.60 16.84 17.28
CA GLY A 240 7.89 18.08 17.02
C GLY A 240 8.48 18.91 15.90
N HIS A 241 7.60 19.55 15.11
CA HIS A 241 7.96 20.41 13.99
C HIS A 241 6.82 21.40 13.64
N SER A 242 7.03 22.23 12.60
CA SER A 242 6.05 23.23 12.17
C SER A 242 6.02 23.30 10.66
N THR A 243 5.43 24.39 10.13
CA THR A 243 5.34 24.72 8.72
C THR A 243 6.72 24.85 8.08
N LYS A 244 7.76 25.24 8.87
CA LYS A 244 9.15 25.36 8.41
C LYS A 244 9.64 24.08 7.71
N ALA A 245 9.06 22.90 8.08
CA ALA A 245 9.35 21.59 7.48
C ALA A 245 9.15 21.62 5.96
N ASP A 246 8.08 22.30 5.49
CA ASP A 246 7.74 22.47 4.08
C ASP A 246 8.81 23.28 3.33
N ILE A 247 9.46 24.23 4.02
CA ILE A 247 10.52 25.11 3.49
C ILE A 247 11.77 24.29 3.19
N TYR A 248 12.15 23.35 4.08
CA TYR A 248 13.30 22.46 3.84
C TYR A 248 13.01 21.61 2.62
N SER A 249 11.78 21.05 2.54
CA SER A 249 11.31 20.22 1.43
C SER A 249 11.40 20.99 0.11
N LEU A 250 11.04 22.31 0.12
CA LEU A 250 11.15 23.18 -1.04
C LEU A 250 12.61 23.29 -1.49
N GLY A 251 13.53 23.43 -0.52
CA GLY A 251 14.96 23.48 -0.76
C GLY A 251 15.46 22.21 -1.42
N ALA A 252 14.93 21.06 -0.96
CA ALA A 252 15.23 19.73 -1.48
C ALA A 252 14.68 19.58 -2.90
N THR A 253 13.48 20.15 -3.18
CA THR A 253 12.90 20.11 -4.54
C THR A 253 13.68 21.04 -5.47
N LEU A 254 14.21 22.15 -4.93
CA LEU A 254 15.02 23.11 -5.67
C LEU A 254 16.29 22.45 -6.19
N ILE A 255 16.90 21.56 -5.38
CA ILE A 255 18.08 20.76 -5.72
C ILE A 255 17.70 19.76 -6.84
N HIS A 256 16.52 19.11 -6.71
CA HIS A 256 15.96 18.17 -7.69
C HIS A 256 15.73 18.89 -9.03
N MET A 257 15.24 20.14 -8.99
CA MET A 257 14.94 20.96 -10.17
C MET A 257 16.20 21.38 -10.94
N GLN A 258 17.29 21.75 -10.23
CA GLN A 258 18.52 22.18 -10.91
C GLN A 258 19.49 21.03 -11.25
N THR A 259 19.43 19.89 -10.52
CA THR A 259 20.34 18.78 -10.77
C THR A 259 19.68 17.59 -11.52
N GLY A 260 18.37 17.42 -11.41
CA GLY A 260 17.64 16.34 -12.07
C GLY A 260 17.46 15.13 -11.17
N THR A 261 18.05 15.17 -9.96
CA THR A 261 17.99 14.13 -8.94
C THR A 261 17.84 14.78 -7.54
N PRO A 262 17.03 14.17 -6.63
CA PRO A 262 16.87 14.76 -5.29
C PRO A 262 18.15 14.75 -4.42
N PRO A 263 18.21 15.49 -3.26
CA PRO A 263 19.47 15.65 -2.49
C PRO A 263 20.42 14.50 -2.11
N TRP A 264 19.96 13.31 -1.69
CA TRP A 264 20.93 12.32 -1.18
C TRP A 264 21.26 11.15 -2.09
N VAL A 265 20.33 10.82 -3.00
CA VAL A 265 20.36 9.72 -3.97
C VAL A 265 21.73 9.52 -4.68
N LYS A 266 22.36 10.60 -5.21
CA LYS A 266 23.63 10.53 -5.95
C LYS A 266 24.84 10.09 -5.10
N ARG A 267 25.07 10.75 -3.95
CA ARG A 267 26.17 10.46 -3.03
C ARG A 267 26.01 9.13 -2.30
N TYR A 268 24.74 8.79 -1.96
CA TYR A 268 24.38 7.58 -1.22
C TYR A 268 23.36 6.79 -2.06
N PRO A 269 23.85 5.84 -2.90
CA PRO A 269 22.92 5.10 -3.80
C PRO A 269 21.82 4.29 -3.11
N ARG A 270 20.78 3.95 -3.88
CA ARG A 270 19.62 3.16 -3.43
C ARG A 270 19.94 1.67 -3.33
N SER A 271 19.53 1.03 -2.21
CA SER A 271 19.71 -0.40 -1.97
C SER A 271 18.52 -1.00 -1.23
N ALA A 272 18.49 -2.35 -1.08
CA ALA A 272 17.44 -3.09 -0.37
C ALA A 272 17.52 -2.83 1.15
N TYR A 273 18.65 -2.25 1.60
CA TYR A 273 18.91 -1.89 2.99
C TYR A 273 19.18 -0.36 3.08
N PRO A 274 18.16 0.51 2.85
CA PRO A 274 18.42 1.96 2.89
C PRO A 274 18.56 2.52 4.31
N SER A 275 19.25 3.67 4.43
CA SER A 275 19.49 4.36 5.69
C SER A 275 19.46 5.90 5.52
N TYR A 276 18.54 6.41 4.68
CA TYR A 276 18.42 7.83 4.38
C TYR A 276 18.07 8.68 5.59
N LEU A 277 17.17 8.20 6.46
CA LEU A 277 16.75 8.90 7.68
C LEU A 277 17.95 9.19 8.62
N TYR A 278 18.93 8.27 8.65
CA TYR A 278 20.16 8.41 9.42
C TYR A 278 21.11 9.43 8.76
N ILE A 279 21.30 9.30 7.43
CA ILE A 279 22.17 10.17 6.63
C ILE A 279 21.73 11.65 6.73
N ILE A 280 20.41 11.93 6.58
CA ILE A 280 19.85 13.27 6.69
C ILE A 280 20.08 13.82 8.10
N HIS A 281 19.83 12.99 9.12
CA HIS A 281 20.00 13.38 10.52
C HIS A 281 21.46 13.68 10.90
N LYS A 282 22.42 12.97 10.31
CA LYS A 282 23.84 13.17 10.62
C LYS A 282 24.55 14.18 9.70
N GLN A 283 24.02 14.46 8.48
CA GLN A 283 24.70 15.33 7.51
C GLN A 283 23.90 16.52 6.91
N ALA A 284 22.60 16.70 7.24
CA ALA A 284 21.83 17.81 6.68
C ALA A 284 22.34 19.19 7.15
N PRO A 285 22.37 20.26 6.31
CA PRO A 285 21.85 20.38 4.93
C PRO A 285 22.68 19.74 3.81
N PRO A 286 22.01 19.21 2.75
CA PRO A 286 22.76 18.63 1.62
C PRO A 286 23.37 19.69 0.67
N LEU A 287 24.34 20.45 1.19
CA LEU A 287 25.07 21.52 0.48
C LEU A 287 26.00 20.98 -0.61
N GLU A 288 26.20 19.67 -0.62
CA GLU A 288 27.06 18.99 -1.58
C GLU A 288 26.27 18.64 -2.84
N ASP A 289 24.94 18.50 -2.72
CA ASP A 289 24.02 18.20 -3.80
C ASP A 289 23.58 19.44 -4.61
N ILE A 290 23.89 20.67 -4.10
CA ILE A 290 23.57 21.92 -4.81
C ILE A 290 24.42 21.98 -6.10
N ALA A 291 23.80 22.39 -7.22
CA ALA A 291 24.46 22.47 -8.54
C ALA A 291 25.65 23.43 -8.57
N ASP A 292 26.76 22.97 -9.16
CA ASP A 292 28.02 23.71 -9.30
C ASP A 292 27.84 24.96 -10.18
N ASP A 293 26.96 24.89 -11.20
CA ASP A 293 26.68 25.98 -12.12
C ASP A 293 25.35 26.69 -11.81
N CYS A 294 25.28 27.36 -10.66
CA CYS A 294 24.12 28.14 -10.24
C CYS A 294 24.57 29.50 -9.66
N SER A 295 23.75 30.56 -9.87
CA SER A 295 24.05 31.92 -9.41
C SER A 295 24.28 32.01 -7.89
N PRO A 296 25.14 32.95 -7.41
CA PRO A 296 25.37 33.06 -5.96
C PRO A 296 24.09 33.38 -5.16
N GLY A 297 23.17 34.11 -5.80
CA GLY A 297 21.88 34.48 -5.23
C GLY A 297 20.96 33.29 -5.06
N MET A 298 20.94 32.40 -6.08
CA MET A 298 20.15 31.16 -6.08
C MET A 298 20.72 30.18 -5.04
N ARG A 299 22.06 30.11 -4.92
CA ARG A 299 22.75 29.25 -3.94
C ARG A 299 22.37 29.66 -2.51
N GLU A 300 22.37 30.98 -2.25
CA GLU A 300 22.02 31.64 -0.98
C GLU A 300 20.58 31.32 -0.58
N LEU A 301 19.67 31.25 -1.57
CA LEU A 301 18.25 30.93 -1.44
C LEU A 301 18.05 29.47 -1.00
N ILE A 302 18.72 28.50 -1.69
CA ILE A 302 18.64 27.06 -1.38
C ILE A 302 19.22 26.72 0.02
N GLU A 303 20.46 27.15 0.31
CA GLU A 303 21.14 26.86 1.57
C GLU A 303 20.44 27.45 2.81
N ALA A 304 19.66 28.54 2.64
CA ALA A 304 18.91 29.15 3.74
C ALA A 304 17.61 28.36 3.98
N SER A 305 17.01 27.81 2.91
CA SER A 305 15.78 27.04 3.01
C SER A 305 16.05 25.65 3.60
N LEU A 306 17.30 25.17 3.47
CA LEU A 306 17.74 23.87 3.96
C LEU A 306 18.37 23.96 5.35
N GLU A 307 18.40 25.18 5.94
CA GLU A 307 18.92 25.49 7.26
C GLU A 307 18.50 24.42 8.28
N ARG A 308 19.48 23.80 8.95
CA ARG A 308 19.31 22.73 9.93
C ARG A 308 18.29 23.05 11.05
N ASN A 309 18.35 24.27 11.60
CA ASN A 309 17.48 24.72 12.68
C ASN A 309 16.23 25.37 12.10
N PRO A 310 15.01 24.80 12.34
CA PRO A 310 13.79 25.40 11.77
C PRO A 310 13.51 26.85 12.22
N ASN A 311 13.96 27.23 13.43
CA ASN A 311 13.79 28.59 13.96
C ASN A 311 14.66 29.62 13.22
N HIS A 312 15.69 29.15 12.49
CA HIS A 312 16.64 30.00 11.76
C HIS A 312 16.49 29.91 10.23
N ARG A 313 15.55 29.05 9.79
CA ARG A 313 15.16 28.83 8.41
C ARG A 313 14.15 29.96 8.06
N PRO A 314 14.11 30.52 6.84
CA PRO A 314 13.15 31.59 6.59
C PRO A 314 11.73 31.08 6.37
N ARG A 315 10.75 31.97 6.50
CA ARG A 315 9.34 31.69 6.20
C ARG A 315 9.15 31.81 4.68
N ALA A 316 7.97 31.45 4.16
CA ALA A 316 7.66 31.56 2.74
C ALA A 316 7.56 33.05 2.34
N ALA A 317 7.06 33.88 3.27
CA ALA A 317 6.93 35.34 3.09
C ALA A 317 8.30 36.03 2.97
N ASP A 318 9.30 35.54 3.75
CA ASP A 318 10.68 36.04 3.74
C ASP A 318 11.37 35.69 2.43
N LEU A 319 11.19 34.42 1.98
CA LEU A 319 11.77 33.88 0.76
C LEU A 319 11.28 34.60 -0.49
N LEU A 320 10.00 35.02 -0.52
CA LEU A 320 9.43 35.77 -1.65
C LEU A 320 10.12 37.12 -1.85
N LYS A 321 10.63 37.71 -0.75
CA LYS A 321 11.33 39.00 -0.72
C LYS A 321 12.83 38.92 -1.11
N HIS A 322 13.38 37.69 -1.28
CA HIS A 322 14.78 37.42 -1.65
C HIS A 322 15.21 38.07 -2.98
N GLU A 323 16.52 38.41 -3.07
CA GLU A 323 17.13 39.03 -4.24
C GLU A 323 17.11 38.14 -5.47
N ALA A 324 17.28 36.82 -5.29
CA ALA A 324 17.29 35.84 -6.39
C ALA A 324 15.98 35.82 -7.17
N LEU A 325 14.84 35.79 -6.46
CA LEU A 325 13.51 35.79 -7.07
C LEU A 325 13.16 37.10 -7.76
N ASN A 326 13.68 38.23 -7.24
CA ASN A 326 13.43 39.56 -7.81
C ASN A 326 14.62 40.09 -8.58
N LEU B 10 18.47 -7.99 21.40
CA LEU B 10 18.04 -6.61 21.69
C LEU B 10 18.95 -5.56 21.04
N SER B 11 20.28 -5.80 21.09
CA SER B 11 21.32 -4.94 20.53
C SER B 11 22.06 -5.63 19.37
N SER B 12 21.88 -6.96 19.23
CA SER B 12 22.48 -7.79 18.18
C SER B 12 21.56 -8.99 17.85
N VAL B 13 21.77 -9.62 16.67
CA VAL B 13 20.99 -10.78 16.27
C VAL B 13 21.60 -12.01 16.92
N ARG B 14 20.75 -12.84 17.52
CA ARG B 14 21.16 -14.07 18.20
C ARG B 14 20.19 -15.20 17.90
N TYR B 15 20.63 -16.45 18.11
CA TYR B 15 19.76 -17.61 17.96
C TYR B 15 18.90 -17.68 19.22
N GLY B 16 17.63 -18.00 19.04
CA GLY B 16 16.70 -18.11 20.16
C GLY B 16 15.53 -19.04 19.93
N THR B 17 14.66 -19.10 20.94
CA THR B 17 13.45 -19.93 20.98
C THR B 17 12.25 -19.11 20.51
N VAL B 18 11.07 -19.77 20.39
CA VAL B 18 9.79 -19.14 20.03
C VAL B 18 9.45 -18.08 21.11
N GLU B 19 9.82 -18.36 22.39
CA GLU B 19 9.64 -17.46 23.54
C GLU B 19 10.48 -16.18 23.38
N ASP B 20 11.75 -16.32 22.93
CA ASP B 20 12.69 -15.22 22.68
C ASP B 20 12.21 -14.36 21.52
N LEU B 21 11.67 -15.01 20.47
CA LEU B 21 11.13 -14.43 19.25
C LEU B 21 9.91 -13.56 19.58
N LEU B 22 8.95 -14.11 20.36
CA LEU B 22 7.72 -13.41 20.76
C LEU B 22 7.96 -12.24 21.70
N ALA B 23 8.99 -12.33 22.56
CA ALA B 23 9.37 -11.28 23.50
C ALA B 23 9.95 -10.07 22.74
N PHE B 24 10.66 -10.33 21.62
CA PHE B 24 11.25 -9.31 20.75
C PHE B 24 10.13 -8.60 19.99
N ALA B 25 9.17 -9.35 19.41
CA ALA B 25 8.02 -8.81 18.67
C ALA B 25 7.19 -7.85 19.52
N ASN B 26 6.99 -8.18 20.81
CA ASN B 26 6.25 -7.37 21.77
C ASN B 26 7.00 -6.08 22.12
N HIS B 27 8.34 -6.15 22.24
CA HIS B 27 9.19 -5.00 22.54
C HIS B 27 9.18 -3.95 21.41
N ILE B 28 9.19 -4.43 20.14
CA ILE B 28 9.18 -3.58 18.94
C ILE B 28 7.88 -2.78 18.85
N SER B 29 6.74 -3.40 19.23
CA SER B 29 5.42 -2.75 19.24
C SER B 29 5.26 -1.75 20.41
N ASN B 30 6.23 -1.72 21.35
CA ASN B 30 6.25 -0.83 22.52
C ASN B 30 7.42 0.16 22.43
N HIS B 34 10.52 3.07 16.32
CA HIS B 34 10.09 4.23 17.09
C HIS B 34 11.07 5.41 16.95
N PHE B 35 12.38 5.16 17.18
CA PHE B 35 13.41 6.18 17.11
C PHE B 35 14.24 6.11 15.82
N TYR B 36 13.85 6.94 14.83
CA TYR B 36 14.51 7.06 13.53
C TYR B 36 15.62 8.12 13.64
N GLY B 37 16.64 8.00 12.80
CA GLY B 37 17.77 8.93 12.78
C GLY B 37 19.01 8.41 13.50
N GLN B 38 18.94 7.18 14.01
CA GLN B 38 20.04 6.49 14.71
C GLN B 38 20.66 5.45 13.77
N ARG B 39 21.98 5.21 13.90
CA ARG B 39 22.76 4.25 13.10
C ARG B 39 22.07 2.88 13.00
N PRO B 40 21.85 2.36 11.76
CA PRO B 40 21.11 1.09 11.64
C PRO B 40 21.92 -0.12 12.07
N GLN B 41 21.56 -0.66 13.23
CA GLN B 41 22.18 -1.84 13.82
C GLN B 41 21.21 -3.00 13.77
N GLU B 42 21.75 -4.22 13.65
CA GLU B 42 20.94 -5.44 13.61
C GLU B 42 20.52 -5.84 15.04
N SER B 43 19.33 -6.45 15.16
CA SER B 43 18.72 -6.96 16.39
C SER B 43 17.58 -7.93 16.02
N GLY B 44 17.41 -8.98 16.80
CA GLY B 44 16.37 -9.97 16.54
C GLY B 44 16.70 -11.39 16.94
N ILE B 45 15.76 -12.31 16.69
CA ILE B 45 15.89 -13.73 17.02
C ILE B 45 15.74 -14.62 15.80
N LEU B 46 16.66 -15.59 15.65
CA LEU B 46 16.61 -16.57 14.57
C LEU B 46 16.23 -17.93 15.15
N LEU B 47 15.12 -18.52 14.65
CA LEU B 47 14.64 -19.82 15.09
C LEU B 47 15.45 -20.93 14.40
N ASN B 48 16.02 -20.60 13.24
CA ASN B 48 16.86 -21.47 12.43
C ASN B 48 18.16 -20.75 12.10
N MET B 49 19.26 -21.49 11.95
CA MET B 49 20.54 -20.90 11.57
C MET B 49 20.69 -20.94 10.03
N VAL B 50 20.07 -19.94 9.38
CA VAL B 50 19.99 -19.80 7.92
C VAL B 50 20.90 -18.68 7.37
N ILE B 51 21.32 -17.75 8.24
CA ILE B 51 22.19 -16.63 7.86
C ILE B 51 23.59 -16.91 8.43
N THR B 52 24.61 -16.95 7.53
CA THR B 52 26.00 -17.20 7.89
C THR B 52 26.56 -16.01 8.71
N PRO B 53 27.03 -16.22 9.96
CA PRO B 53 27.57 -15.08 10.72
C PRO B 53 28.96 -14.64 10.26
N GLN B 54 29.27 -13.35 10.44
CA GLN B 54 30.56 -12.74 10.11
C GLN B 54 31.03 -11.96 11.33
N ASN B 55 32.18 -12.37 11.91
CA ASN B 55 32.80 -11.80 13.12
C ASN B 55 31.84 -11.77 14.31
N GLY B 56 31.14 -12.88 14.50
CA GLY B 56 30.17 -13.08 15.59
C GLY B 56 28.93 -12.21 15.52
N ARG B 57 28.55 -11.79 14.31
CA ARG B 57 27.39 -10.94 14.04
C ARG B 57 26.64 -11.48 12.83
N TYR B 58 25.34 -11.16 12.71
CA TYR B 58 24.53 -11.53 11.55
C TYR B 58 24.22 -10.24 10.78
N GLN B 59 25.12 -9.86 9.87
CA GLN B 59 25.00 -8.62 9.09
C GLN B 59 24.25 -8.87 7.77
N ILE B 60 22.89 -8.89 7.83
CA ILE B 60 22.01 -9.13 6.67
C ILE B 60 22.21 -8.10 5.56
N ASP B 61 22.55 -6.85 5.92
CA ASP B 61 22.79 -5.77 4.95
C ASP B 61 24.01 -6.00 4.06
N SER B 62 25.00 -6.77 4.54
CA SER B 62 26.23 -7.08 3.82
C SER B 62 26.29 -8.53 3.32
N ASP B 63 25.68 -9.46 4.08
CA ASP B 63 25.73 -10.90 3.80
C ASP B 63 24.43 -11.52 3.22
N VAL B 64 23.28 -10.81 3.25
CA VAL B 64 22.03 -11.35 2.70
C VAL B 64 21.59 -10.57 1.47
N LEU B 65 21.49 -11.27 0.32
CA LEU B 65 21.04 -10.72 -0.95
C LEU B 65 19.52 -10.64 -0.86
N LEU B 66 18.99 -9.42 -0.98
CA LEU B 66 17.57 -9.15 -0.89
C LEU B 66 17.07 -8.50 -2.18
N ILE B 67 16.16 -9.19 -2.88
CA ILE B 67 15.56 -8.70 -4.13
C ILE B 67 14.03 -8.81 -4.11
N PRO B 68 13.27 -7.82 -4.65
CA PRO B 68 11.80 -7.94 -4.64
C PRO B 68 11.30 -9.17 -5.39
N TRP B 69 10.32 -9.87 -4.81
CA TRP B 69 9.74 -11.07 -5.42
C TRP B 69 8.37 -10.72 -5.99
N LYS B 70 8.33 -10.56 -7.32
CA LYS B 70 7.09 -10.23 -8.02
C LYS B 70 6.65 -11.40 -8.90
N LEU B 71 5.32 -11.66 -8.94
CA LEU B 71 4.74 -12.73 -9.75
C LEU B 71 4.22 -12.12 -11.05
N THR B 72 4.54 -12.75 -12.19
CA THR B 72 4.07 -12.30 -13.50
C THR B 72 2.66 -12.84 -13.71
N TYR B 73 1.68 -11.94 -13.69
CA TYR B 73 0.27 -12.26 -13.90
C TYR B 73 0.00 -12.00 -15.37
N ARG B 74 -0.49 -13.01 -16.12
CA ARG B 74 -0.81 -12.84 -17.54
C ARG B 74 -2.30 -13.01 -17.85
N ASN B 75 -3.05 -13.69 -16.95
CA ASN B 75 -4.50 -13.89 -17.07
C ASN B 75 -5.27 -12.79 -16.33
N GLY B 77 -6.73 -9.78 -14.37
CA GLY B 77 -7.85 -10.69 -14.19
C GLY B 77 -7.66 -11.68 -13.06
N SER B 78 -6.50 -12.37 -13.03
CA SER B 78 -6.13 -13.37 -12.02
C SER B 78 -5.22 -12.80 -10.93
N ASP B 79 -5.17 -11.44 -10.81
CA ASP B 79 -4.34 -10.72 -9.84
C ASP B 79 -5.18 -9.77 -9.03
N PHE B 80 -5.42 -10.09 -7.77
CA PHE B 80 -6.19 -9.24 -6.87
C PHE B 80 -5.38 -8.88 -5.63
N ILE B 81 -5.26 -7.58 -5.35
CA ILE B 81 -4.53 -7.06 -4.20
C ILE B 81 -5.29 -7.40 -2.91
N PRO B 82 -4.65 -8.06 -1.91
CA PRO B 82 -5.38 -8.41 -0.69
C PRO B 82 -5.75 -7.20 0.17
N ARG B 83 -7.01 -7.18 0.64
CA ARG B 83 -7.55 -6.11 1.49
C ARG B 83 -6.92 -6.20 2.88
N GLY B 84 -6.46 -5.06 3.38
CA GLY B 84 -5.83 -4.97 4.69
C GLY B 84 -4.45 -5.55 4.77
N ALA B 85 -3.81 -5.80 3.60
CA ALA B 85 -2.46 -6.34 3.51
C ALA B 85 -1.46 -5.21 3.59
N PHE B 86 -0.28 -5.51 4.15
CA PHE B 86 0.81 -4.56 4.36
C PHE B 86 2.14 -5.25 4.14
N GLY B 87 3.19 -4.46 3.96
CA GLY B 87 4.54 -4.96 3.75
C GLY B 87 4.84 -5.34 2.31
N LYS B 88 5.97 -6.04 2.11
CA LYS B 88 6.44 -6.48 0.80
C LYS B 88 7.13 -7.84 0.85
N VAL B 89 6.97 -8.64 -0.22
CA VAL B 89 7.54 -9.99 -0.36
C VAL B 89 8.83 -9.90 -1.16
N TYR B 90 9.92 -10.30 -0.54
CA TYR B 90 11.25 -10.29 -1.13
C TYR B 90 11.83 -11.70 -1.12
N LEU B 91 12.73 -11.98 -2.05
CA LEU B 91 13.44 -13.24 -2.10
C LEU B 91 14.79 -12.97 -1.44
N ALA B 92 14.99 -13.56 -0.26
CA ALA B 92 16.23 -13.42 0.50
C ALA B 92 17.14 -14.60 0.25
N GLN B 93 18.44 -14.33 0.08
CA GLN B 93 19.43 -15.38 -0.14
C GLN B 93 20.73 -15.11 0.61
N ASP B 94 21.14 -16.07 1.47
CA ASP B 94 22.41 -15.98 2.20
C ASP B 94 23.50 -16.17 1.15
N ILE B 95 24.26 -15.09 0.88
CA ILE B 95 25.32 -15.02 -0.13
C ILE B 95 26.39 -16.14 0.02
N LYS B 96 26.77 -16.50 1.27
CA LYS B 96 27.79 -17.52 1.55
C LYS B 96 27.36 -18.96 1.20
N THR B 97 26.17 -19.40 1.65
CA THR B 97 25.65 -20.76 1.40
C THR B 97 24.81 -20.88 0.13
N LYS B 98 24.29 -19.73 -0.39
CA LYS B 98 23.41 -19.60 -1.56
C LYS B 98 22.02 -20.21 -1.30
N LYS B 99 21.63 -20.34 0.00
CA LYS B 99 20.32 -20.86 0.41
C LYS B 99 19.26 -19.80 0.17
N ARG B 100 18.14 -20.20 -0.44
CA ARG B 100 17.02 -19.32 -0.75
C ARG B 100 15.95 -19.38 0.34
N MET B 101 15.39 -18.21 0.65
CA MET B 101 14.32 -18.02 1.66
C MET B 101 13.37 -16.95 1.12
N ALA B 102 12.17 -16.89 1.69
CA ALA B 102 11.20 -15.83 1.41
C ALA B 102 11.40 -14.81 2.53
N CYS B 103 11.17 -13.53 2.27
CA CYS B 103 11.36 -12.47 3.25
C CYS B 103 10.21 -11.48 3.22
N LYS B 104 9.43 -11.43 4.30
CA LYS B 104 8.32 -10.51 4.44
C LYS B 104 8.87 -9.28 5.15
N LEU B 105 8.99 -8.16 4.44
CA LEU B 105 9.53 -6.90 4.95
C LEU B 105 8.41 -6.02 5.49
N ILE B 106 8.37 -5.81 6.82
CA ILE B 106 7.36 -5.00 7.52
C ILE B 106 8.03 -3.82 8.25
N PRO B 107 7.52 -2.55 8.16
CA PRO B 107 8.16 -1.46 8.92
C PRO B 107 7.93 -1.59 10.42
N VAL B 108 8.76 -0.89 11.23
CA VAL B 108 8.72 -0.89 12.71
C VAL B 108 7.33 -0.51 13.29
N ASP B 109 6.76 0.61 12.80
CA ASP B 109 5.47 1.14 13.25
C ASP B 109 4.29 0.18 13.01
N GLN B 110 4.33 -0.57 11.89
CA GLN B 110 3.30 -1.53 11.49
C GLN B 110 3.51 -2.92 12.09
N PHE B 111 4.73 -3.22 12.56
CA PHE B 111 5.07 -4.53 13.12
C PHE B 111 4.42 -4.76 14.49
N LYS B 112 3.77 -5.94 14.63
CA LYS B 112 3.06 -6.39 15.82
C LYS B 112 3.20 -7.91 15.95
N PRO B 113 2.89 -8.47 17.15
CA PRO B 113 3.30 -9.86 17.45
C PRO B 113 2.50 -10.94 16.71
N SER B 114 1.34 -10.58 16.13
CA SER B 114 0.46 -11.47 15.37
C SER B 114 1.05 -11.91 14.03
N ASP B 115 1.99 -11.11 13.47
CA ASP B 115 2.66 -11.36 12.19
C ASP B 115 3.60 -12.57 12.21
N VAL B 116 3.98 -13.04 13.42
CA VAL B 116 4.90 -14.16 13.61
C VAL B 116 4.30 -15.32 14.42
N GLU B 117 3.43 -15.01 15.40
CA GLU B 117 2.78 -15.92 16.34
C GLU B 117 2.31 -17.25 15.74
N ILE B 118 1.52 -17.21 14.65
CA ILE B 118 0.98 -18.41 14.01
C ILE B 118 2.08 -19.36 13.50
N GLN B 119 2.96 -18.87 12.59
CA GLN B 119 4.07 -19.60 11.99
C GLN B 119 5.14 -20.08 12.99
N ALA B 120 5.34 -19.32 14.09
CA ALA B 120 6.33 -19.65 15.11
C ALA B 120 5.86 -20.74 16.06
N CYS B 121 4.58 -20.67 16.50
CA CYS B 121 4.01 -21.63 17.45
C CYS B 121 3.43 -22.90 16.81
N PHE B 122 2.78 -22.78 15.63
CA PHE B 122 2.14 -23.91 14.96
C PHE B 122 2.95 -24.45 13.78
N ARG B 123 3.66 -25.57 14.00
CA ARG B 123 4.51 -26.21 12.99
C ARG B 123 3.91 -27.49 12.40
N HIS B 124 3.84 -27.57 11.06
CA HIS B 124 3.31 -28.70 10.30
C HIS B 124 4.02 -28.79 8.95
N GLU B 125 4.11 -30.01 8.39
CA GLU B 125 4.75 -30.29 7.10
C GLU B 125 4.20 -29.48 5.93
N ASN B 126 2.88 -29.24 5.92
CA ASN B 126 2.19 -28.51 4.85
C ASN B 126 2.06 -26.99 5.11
N ILE B 127 2.82 -26.48 6.08
CA ILE B 127 2.88 -25.07 6.49
C ILE B 127 4.34 -24.61 6.33
N ALA B 128 4.56 -23.38 5.83
CA ALA B 128 5.91 -22.82 5.65
C ALA B 128 6.52 -22.45 6.98
N GLU B 129 7.79 -22.86 7.16
CA GLU B 129 8.53 -22.62 8.41
C GLU B 129 9.06 -21.21 8.54
N LEU B 130 8.95 -20.66 9.76
CA LEU B 130 9.47 -19.35 10.10
C LEU B 130 10.91 -19.56 10.56
N TYR B 131 11.85 -18.88 9.91
CA TYR B 131 13.28 -19.03 10.19
C TYR B 131 13.80 -18.00 11.17
N GLY B 132 13.12 -16.87 11.27
CA GLY B 132 13.51 -15.80 12.19
C GLY B 132 12.98 -14.43 11.82
N ALA B 133 13.22 -13.46 12.72
CA ALA B 133 12.83 -12.06 12.56
C ALA B 133 14.03 -11.17 12.88
N VAL B 134 14.50 -10.40 11.88
CA VAL B 134 15.67 -9.52 12.00
C VAL B 134 15.31 -8.06 11.74
N LEU B 135 15.52 -7.20 12.74
CA LEU B 135 15.30 -5.76 12.64
C LEU B 135 16.61 -5.07 12.25
N TRP B 136 16.59 -4.36 11.12
CA TRP B 136 17.71 -3.59 10.61
C TRP B 136 17.18 -2.22 10.21
N GLY B 137 17.49 -1.21 11.02
CA GLY B 137 17.04 0.16 10.81
C GLY B 137 15.55 0.30 11.06
N GLU B 138 14.81 0.71 10.01
CA GLU B 138 13.36 0.91 10.04
C GLU B 138 12.54 -0.29 9.51
N THR B 139 13.21 -1.38 9.10
CA THR B 139 12.54 -2.57 8.54
C THR B 139 12.79 -3.84 9.36
N VAL B 140 11.70 -4.60 9.62
CA VAL B 140 11.71 -5.91 10.27
C VAL B 140 11.65 -6.95 9.15
N HIS B 141 12.64 -7.85 9.10
CA HIS B 141 12.79 -8.90 8.09
C HIS B 141 12.41 -10.27 8.64
N LEU B 142 11.32 -10.84 8.10
CA LEU B 142 10.77 -12.14 8.49
C LEU B 142 11.22 -13.22 7.49
N PHE B 143 12.31 -13.92 7.81
CA PHE B 143 12.85 -15.00 6.98
C PHE B 143 11.98 -16.23 7.09
N MET B 144 11.52 -16.75 5.95
CA MET B 144 10.61 -17.89 5.88
C MET B 144 11.09 -18.96 4.90
N GLU B 145 10.46 -20.15 4.95
CA GLU B 145 10.72 -21.27 4.05
C GLU B 145 10.24 -20.88 2.64
N ALA B 146 11.04 -21.20 1.63
CA ALA B 146 10.71 -20.93 0.24
C ALA B 146 10.57 -22.24 -0.52
N GLY B 147 9.60 -22.29 -1.42
CA GLY B 147 9.31 -23.44 -2.26
C GLY B 147 10.15 -23.40 -3.53
N GLU B 148 11.09 -24.33 -3.66
CA GLU B 148 11.98 -24.42 -4.81
C GLU B 148 11.28 -24.64 -6.14
N GLY B 149 9.99 -25.02 -6.10
CA GLY B 149 9.17 -25.27 -7.28
C GLY B 149 8.15 -24.20 -7.67
N GLY B 150 8.21 -23.04 -7.02
CA GLY B 150 7.32 -21.92 -7.29
C GLY B 150 5.90 -22.09 -6.76
N SER B 151 5.00 -21.15 -7.14
CA SER B 151 3.59 -21.16 -6.69
C SER B 151 2.66 -21.87 -7.68
N VAL B 152 1.43 -22.23 -7.23
CA VAL B 152 0.40 -22.88 -8.05
C VAL B 152 -0.01 -21.92 -9.18
N LEU B 153 -0.08 -20.60 -8.87
CA LEU B 153 -0.40 -19.55 -9.83
C LEU B 153 0.66 -19.53 -10.95
N GLU B 154 1.97 -19.57 -10.58
CA GLU B 154 3.09 -19.60 -11.53
C GLU B 154 2.95 -20.79 -12.47
N LYS B 155 2.59 -21.97 -11.94
CA LYS B 155 2.35 -23.21 -12.71
C LYS B 155 1.18 -23.04 -13.70
N LEU B 156 0.09 -22.36 -13.25
CA LEU B 156 -1.11 -22.07 -14.04
C LEU B 156 -0.84 -21.07 -15.15
N GLU B 157 -0.11 -19.99 -14.82
CA GLU B 157 0.24 -18.93 -15.78
C GLU B 157 1.27 -19.41 -16.78
N SER B 158 2.04 -20.46 -16.41
CA SER B 158 3.07 -21.05 -17.26
C SER B 158 2.53 -22.14 -18.20
N CYS B 159 1.95 -23.21 -17.61
CA CYS B 159 1.50 -24.40 -18.36
C CYS B 159 -0.03 -24.51 -18.53
N GLY B 160 -0.75 -23.48 -18.12
CA GLY B 160 -2.20 -23.45 -18.27
C GLY B 160 -2.99 -24.17 -17.20
N PRO B 161 -4.32 -24.37 -17.44
CA PRO B 161 -5.15 -25.07 -16.44
C PRO B 161 -4.62 -26.45 -16.09
N MET B 162 -4.64 -26.77 -14.80
CA MET B 162 -4.15 -28.03 -14.25
C MET B 162 -5.06 -29.21 -14.54
N ARG B 163 -4.46 -30.39 -14.74
CA ARG B 163 -5.16 -31.65 -14.98
C ARG B 163 -5.71 -32.12 -13.63
N GLU B 164 -6.84 -32.86 -13.64
CA GLU B 164 -7.51 -33.31 -12.41
C GLU B 164 -6.59 -34.02 -11.42
N PHE B 165 -5.67 -34.90 -11.89
CA PHE B 165 -4.74 -35.63 -11.02
C PHE B 165 -3.76 -34.68 -10.29
N GLU B 166 -3.37 -33.57 -10.97
CA GLU B 166 -2.47 -32.56 -10.44
C GLU B 166 -3.17 -31.73 -9.36
N ILE B 167 -4.49 -31.51 -9.53
CA ILE B 167 -5.35 -30.79 -8.58
C ILE B 167 -5.51 -31.66 -7.32
N ILE B 168 -5.86 -32.95 -7.48
CA ILE B 168 -6.02 -33.93 -6.40
C ILE B 168 -4.76 -33.98 -5.51
N TRP B 169 -3.57 -34.02 -6.12
CA TRP B 169 -2.27 -34.03 -5.43
C TRP B 169 -2.06 -32.78 -4.57
N VAL B 170 -2.39 -31.59 -5.11
CA VAL B 170 -2.24 -30.29 -4.42
C VAL B 170 -3.29 -30.19 -3.30
N THR B 171 -4.57 -30.45 -3.64
CA THR B 171 -5.72 -30.38 -2.74
C THR B 171 -5.52 -31.30 -1.51
N LYS B 172 -4.95 -32.52 -1.69
CA LYS B 172 -4.65 -33.45 -0.58
C LYS B 172 -3.68 -32.80 0.42
N HIS B 173 -2.61 -32.14 -0.10
CA HIS B 173 -1.60 -31.45 0.70
C HIS B 173 -2.15 -30.20 1.37
N VAL B 174 -2.95 -29.39 0.64
CA VAL B 174 -3.56 -28.15 1.15
C VAL B 174 -4.50 -28.47 2.30
N LEU B 175 -5.35 -29.51 2.15
CA LEU B 175 -6.30 -29.94 3.16
C LEU B 175 -5.64 -30.43 4.45
N LYS B 176 -4.43 -31.02 4.37
CA LYS B 176 -3.69 -31.48 5.55
C LYS B 176 -3.21 -30.27 6.38
N GLY B 177 -2.80 -29.21 5.68
CA GLY B 177 -2.37 -27.96 6.28
C GLY B 177 -3.53 -27.20 6.88
N LEU B 178 -4.70 -27.24 6.19
CA LEU B 178 -5.92 -26.60 6.65
C LEU B 178 -6.47 -27.30 7.87
N ASP B 179 -6.53 -28.64 7.84
CA ASP B 179 -6.96 -29.52 8.94
C ASP B 179 -6.16 -29.21 10.21
N PHE B 180 -4.83 -29.01 10.06
CA PHE B 180 -3.91 -28.65 11.14
C PHE B 180 -4.24 -27.30 11.74
N LEU B 181 -4.34 -26.27 10.90
CA LEU B 181 -4.64 -24.90 11.32
C LEU B 181 -6.03 -24.81 11.93
N HIS B 182 -7.00 -25.54 11.36
CA HIS B 182 -8.39 -25.57 11.82
C HIS B 182 -8.53 -26.31 13.15
N SER B 183 -7.61 -27.25 13.44
CA SER B 183 -7.60 -28.00 14.71
C SER B 183 -7.03 -27.11 15.83
N LYS B 184 -6.17 -26.15 15.46
CA LYS B 184 -5.53 -25.18 16.36
C LYS B 184 -6.32 -23.85 16.38
N LYS B 185 -7.58 -23.89 15.86
CA LYS B 185 -8.54 -22.78 15.76
C LYS B 185 -7.97 -21.53 15.03
N VAL B 186 -7.16 -21.76 13.99
CA VAL B 186 -6.53 -20.69 13.20
C VAL B 186 -7.16 -20.58 11.81
N ILE B 187 -7.69 -19.38 11.47
CA ILE B 187 -8.24 -19.11 10.14
C ILE B 187 -7.11 -18.47 9.34
N HIS B 188 -6.71 -19.09 8.21
CA HIS B 188 -5.63 -18.60 7.33
C HIS B 188 -5.97 -17.26 6.71
N HIS B 189 -7.23 -17.09 6.26
CA HIS B 189 -7.85 -15.88 5.67
C HIS B 189 -7.40 -15.52 4.25
N ASP B 190 -6.40 -16.22 3.66
CA ASP B 190 -5.97 -15.86 2.30
C ASP B 190 -5.57 -17.09 1.46
N ILE B 191 -6.51 -18.05 1.29
CA ILE B 191 -6.22 -19.21 0.46
C ILE B 191 -6.47 -18.87 -1.01
N LYS B 192 -5.37 -18.81 -1.78
CA LYS B 192 -5.34 -18.51 -3.21
C LYS B 192 -4.18 -19.25 -3.87
N PRO B 193 -4.20 -19.55 -5.21
CA PRO B 193 -3.08 -20.30 -5.83
C PRO B 193 -1.69 -19.72 -5.58
N SER B 194 -1.58 -18.39 -5.39
CA SER B 194 -0.31 -17.71 -5.12
C SER B 194 0.22 -17.97 -3.71
N ASN B 195 -0.66 -18.40 -2.79
CA ASN B 195 -0.28 -18.69 -1.40
C ASN B 195 -0.09 -20.20 -1.13
N ILE B 196 -0.07 -21.02 -2.21
CA ILE B 196 0.21 -22.47 -2.19
C ILE B 196 1.46 -22.65 -3.06
N VAL B 197 2.57 -23.11 -2.43
CA VAL B 197 3.85 -23.28 -3.11
C VAL B 197 4.27 -24.76 -3.22
N PHE B 198 5.11 -25.07 -4.21
CA PHE B 198 5.60 -26.42 -4.48
C PHE B 198 6.98 -26.69 -3.91
N MET B 199 7.15 -27.91 -3.35
CA MET B 199 8.39 -28.46 -2.82
C MET B 199 8.68 -29.69 -3.69
N SER B 200 9.70 -30.49 -3.34
CA SER B 200 10.05 -31.69 -4.11
C SER B 200 9.08 -32.86 -3.89
N THR B 201 8.39 -32.91 -2.71
CA THR B 201 7.48 -34.01 -2.33
C THR B 201 6.11 -33.54 -1.77
N LYS B 202 5.90 -32.23 -1.65
CA LYS B 202 4.66 -31.69 -1.05
C LYS B 202 4.28 -30.32 -1.61
N ALA B 203 3.06 -29.86 -1.27
CA ALA B 203 2.55 -28.52 -1.55
C ALA B 203 2.33 -27.92 -0.15
N VAL B 204 2.78 -26.68 0.04
CA VAL B 204 2.78 -25.97 1.33
C VAL B 204 2.02 -24.63 1.29
N LEU B 205 1.37 -24.25 2.42
CA LEU B 205 0.63 -22.99 2.58
C LEU B 205 1.53 -21.87 3.10
N VAL B 206 1.53 -20.72 2.43
CA VAL B 206 2.33 -19.54 2.80
C VAL B 206 1.42 -18.33 3.09
N ASP B 207 2.03 -17.17 3.45
CA ASP B 207 1.39 -15.89 3.76
C ASP B 207 0.41 -15.98 4.92
N PHE B 208 0.92 -15.74 6.14
CA PHE B 208 0.14 -15.80 7.37
C PHE B 208 -0.14 -14.41 7.96
N GLY B 209 -0.01 -13.39 7.12
CA GLY B 209 -0.22 -11.99 7.46
C GLY B 209 -1.64 -11.63 7.87
N LEU B 210 -2.64 -12.28 7.25
CA LEU B 210 -4.05 -12.04 7.56
C LEU B 210 -4.65 -13.11 8.49
N SER B 211 -3.82 -14.08 8.92
CA SER B 211 -4.22 -15.19 9.78
C SER B 211 -4.53 -14.75 11.21
N VAL B 212 -5.61 -15.29 11.78
CA VAL B 212 -6.03 -15.01 13.17
C VAL B 212 -6.27 -16.30 13.94
N GLN B 213 -6.03 -16.26 15.26
CA GLN B 213 -6.32 -17.39 16.13
C GLN B 213 -7.66 -17.08 16.80
N MET B 214 -8.62 -18.00 16.65
CA MET B 214 -9.97 -17.86 17.22
C MET B 214 -9.97 -18.00 18.72
N THR B 215 -10.60 -17.04 19.41
CA THR B 215 -10.73 -17.02 20.87
C THR B 215 -12.00 -17.78 21.22
N GLU B 216 -13.12 -17.42 20.57
CA GLU B 216 -14.45 -18.04 20.75
C GLU B 216 -14.88 -18.82 19.48
N ASP B 217 -16.08 -19.43 19.50
CA ASP B 217 -16.64 -20.25 18.41
C ASP B 217 -16.87 -19.50 17.10
N VAL B 218 -17.11 -18.17 17.19
CA VAL B 218 -17.32 -17.28 16.05
C VAL B 218 -16.28 -16.16 16.12
N TYR B 219 -15.62 -15.87 14.99
CA TYR B 219 -14.64 -14.80 14.87
C TYR B 219 -15.32 -13.55 14.31
N PHE B 220 -15.21 -12.44 15.04
CA PHE B 220 -15.80 -11.17 14.63
C PHE B 220 -14.73 -10.21 14.14
N PRO B 221 -14.57 -10.03 12.80
CA PRO B 221 -13.53 -9.12 12.30
C PRO B 221 -13.88 -7.64 12.47
N LYS B 222 -12.86 -6.82 12.69
CA LYS B 222 -13.01 -5.37 12.82
C LYS B 222 -13.03 -4.74 11.43
N ASP B 223 -12.18 -5.25 10.51
CA ASP B 223 -12.06 -4.79 9.13
C ASP B 223 -12.21 -5.92 8.12
N LEU B 224 -12.57 -5.58 6.86
CA LEU B 224 -12.71 -6.56 5.78
C LEU B 224 -11.32 -6.86 5.23
N ARG B 225 -10.83 -8.08 5.49
CA ARG B 225 -9.50 -8.51 5.07
C ARG B 225 -9.56 -9.75 4.15
N GLY B 226 -8.59 -9.85 3.24
CA GLY B 226 -8.46 -10.97 2.31
C GLY B 226 -8.58 -10.59 0.85
N THR B 227 -8.60 -11.60 -0.03
CA THR B 227 -8.73 -11.43 -1.48
C THR B 227 -10.20 -11.66 -1.84
N GLU B 228 -10.84 -10.62 -2.39
CA GLU B 228 -12.26 -10.51 -2.73
C GLU B 228 -12.87 -11.64 -3.56
N ILE B 229 -12.18 -12.12 -4.62
CA ILE B 229 -12.71 -13.15 -5.53
C ILE B 229 -12.87 -14.51 -4.84
N TYR B 230 -12.01 -14.82 -3.85
CA TYR B 230 -12.04 -16.09 -3.13
C TYR B 230 -12.86 -15.99 -1.84
N MET B 231 -13.37 -14.77 -1.51
CA MET B 231 -14.16 -14.49 -0.30
C MET B 231 -15.53 -15.15 -0.30
N SER B 232 -15.92 -15.66 0.88
CA SER B 232 -17.20 -16.31 1.15
C SER B 232 -18.28 -15.27 1.44
N PRO B 233 -19.61 -15.59 1.33
CA PRO B 233 -20.64 -14.56 1.61
C PRO B 233 -20.63 -13.99 3.04
N GLU B 234 -20.31 -14.82 4.06
CA GLU B 234 -20.27 -14.38 5.46
C GLU B 234 -19.05 -13.47 5.77
N VAL B 235 -17.91 -13.65 5.07
CA VAL B 235 -16.71 -12.82 5.25
C VAL B 235 -16.96 -11.38 4.77
N ILE B 236 -17.66 -11.23 3.64
CA ILE B 236 -18.02 -9.91 3.06
C ILE B 236 -18.92 -9.13 4.03
N LEU B 237 -19.91 -9.82 4.63
CA LEU B 237 -20.90 -9.28 5.59
C LEU B 237 -20.30 -8.70 6.89
N CYS B 238 -19.14 -9.24 7.34
CA CYS B 238 -18.41 -8.86 8.58
C CYS B 238 -19.24 -9.04 9.86
N ARG B 239 -20.26 -9.93 9.83
CA ARG B 239 -21.17 -10.21 10.95
C ARG B 239 -20.74 -11.46 11.75
N GLY B 240 -19.58 -12.00 11.41
CA GLY B 240 -19.01 -13.18 12.05
C GLY B 240 -18.82 -14.35 11.11
N HIS B 241 -17.71 -15.10 11.31
CA HIS B 241 -17.35 -16.28 10.52
C HIS B 241 -16.37 -17.19 11.29
N SER B 242 -15.95 -18.31 10.67
CA SER B 242 -15.05 -19.27 11.27
C SER B 242 -14.05 -19.77 10.24
N THR B 243 -13.37 -20.89 10.55
CA THR B 243 -12.41 -21.59 9.70
C THR B 243 -13.06 -22.06 8.40
N LYS B 244 -14.41 -22.21 8.40
CA LYS B 244 -15.22 -22.60 7.25
C LYS B 244 -15.06 -21.66 6.06
N ALA B 245 -14.58 -20.43 6.32
CA ALA B 245 -14.28 -19.39 5.33
C ALA B 245 -13.14 -19.84 4.40
N ASP B 246 -12.10 -20.50 4.97
CA ASP B 246 -10.93 -21.03 4.24
C ASP B 246 -11.34 -22.13 3.26
N ILE B 247 -12.34 -22.94 3.64
CA ILE B 247 -12.90 -24.06 2.89
C ILE B 247 -13.58 -23.54 1.62
N TYR B 248 -14.28 -22.38 1.70
CA TYR B 248 -14.91 -21.74 0.54
C TYR B 248 -13.82 -21.27 -0.42
N SER B 249 -12.79 -20.58 0.13
CA SER B 249 -11.64 -20.05 -0.60
C SER B 249 -10.91 -21.17 -1.34
N LEU B 250 -10.80 -22.37 -0.73
CA LEU B 250 -10.20 -23.55 -1.37
C LEU B 250 -11.02 -23.94 -2.61
N GLY B 251 -12.35 -23.90 -2.48
CA GLY B 251 -13.28 -24.18 -3.56
C GLY B 251 -13.09 -23.22 -4.72
N ALA B 252 -12.88 -21.93 -4.38
CA ALA B 252 -12.61 -20.85 -5.32
C ALA B 252 -11.26 -21.04 -6.00
N THR B 253 -10.23 -21.53 -5.25
CA THR B 253 -8.90 -21.81 -5.83
C THR B 253 -8.98 -23.04 -6.73
N LEU B 254 -9.85 -24.01 -6.38
CA LEU B 254 -10.07 -25.23 -7.15
C LEU B 254 -10.59 -24.89 -8.53
N ILE B 255 -11.50 -23.88 -8.63
CA ILE B 255 -12.07 -23.34 -9.87
C ILE B 255 -10.95 -22.65 -10.69
N HIS B 256 -10.08 -21.87 -10.00
CA HIS B 256 -8.93 -21.20 -10.59
C HIS B 256 -7.94 -22.24 -11.18
N MET B 257 -7.74 -23.36 -10.47
CA MET B 257 -6.84 -24.43 -10.88
C MET B 257 -7.32 -25.20 -12.12
N GLN B 258 -8.64 -25.47 -12.23
CA GLN B 258 -9.16 -26.20 -13.38
C GLN B 258 -9.54 -25.34 -14.60
N THR B 259 -9.82 -24.04 -14.41
N THR B 259 -9.84 -24.04 -14.40
CA THR B 259 -10.20 -23.16 -15.52
CA THR B 259 -10.22 -23.14 -15.49
C THR B 259 -9.09 -22.18 -15.94
C THR B 259 -9.11 -22.16 -15.92
N GLY B 260 -8.21 -21.82 -15.01
CA GLY B 260 -7.12 -20.88 -15.28
C GLY B 260 -7.44 -19.45 -14.88
N THR B 261 -8.68 -19.21 -14.42
CA THR B 261 -9.19 -17.92 -13.94
C THR B 261 -10.05 -18.13 -12.69
N PRO B 262 -9.98 -17.20 -11.69
CA PRO B 262 -10.79 -17.37 -10.46
C PRO B 262 -12.31 -17.25 -10.68
N PRO B 263 -13.17 -17.57 -9.66
CA PRO B 263 -14.62 -17.64 -9.89
C PRO B 263 -15.38 -16.58 -10.69
N TRP B 264 -15.36 -15.30 -10.32
CA TRP B 264 -16.30 -14.34 -10.91
C TRP B 264 -15.82 -13.53 -12.11
N VAL B 265 -14.51 -13.38 -12.26
CA VAL B 265 -13.78 -12.61 -13.27
C VAL B 265 -14.33 -12.78 -14.71
N LYS B 266 -14.58 -14.03 -15.17
CA LYS B 266 -15.05 -14.32 -16.55
C LYS B 266 -16.45 -13.79 -16.86
N ARG B 267 -17.45 -14.12 -16.01
CA ARG B 267 -18.86 -13.71 -16.16
C ARG B 267 -19.06 -12.20 -15.91
N TYR B 268 -18.29 -11.65 -14.96
CA TYR B 268 -18.36 -10.24 -14.56
C TYR B 268 -16.97 -9.61 -14.72
N PRO B 269 -16.68 -9.00 -15.91
CA PRO B 269 -15.34 -8.46 -16.16
C PRO B 269 -14.85 -7.37 -15.20
N ARG B 270 -13.53 -7.15 -15.19
CA ARG B 270 -12.83 -6.15 -14.38
C ARG B 270 -13.02 -4.75 -14.96
N SER B 271 -13.34 -3.77 -14.10
CA SER B 271 -13.51 -2.37 -14.48
C SER B 271 -13.00 -1.46 -13.36
N ALA B 272 -12.92 -0.13 -13.62
CA ALA B 272 -12.48 0.89 -12.65
C ALA B 272 -13.53 1.06 -11.55
N TYR B 273 -14.74 0.54 -11.78
CA TYR B 273 -15.88 0.58 -10.85
C TYR B 273 -16.31 -0.87 -10.52
N PRO B 274 -15.49 -1.66 -9.78
CA PRO B 274 -15.89 -3.06 -9.49
C PRO B 274 -16.96 -3.18 -8.40
N SER B 275 -17.71 -4.31 -8.42
CA SER B 275 -18.78 -4.61 -7.48
C SER B 275 -18.83 -6.13 -7.13
N TYR B 276 -17.65 -6.75 -6.96
CA TYR B 276 -17.54 -8.17 -6.69
C TYR B 276 -18.15 -8.61 -5.36
N LEU B 277 -17.98 -7.79 -4.30
CA LEU B 277 -18.55 -8.05 -2.96
C LEU B 277 -20.09 -8.18 -3.02
N TYR B 278 -20.73 -7.41 -3.90
CA TYR B 278 -22.18 -7.44 -4.11
C TYR B 278 -22.58 -8.69 -4.90
N ILE B 279 -21.85 -8.99 -5.99
CA ILE B 279 -22.08 -10.15 -6.87
C ILE B 279 -21.99 -11.47 -6.07
N ILE B 280 -20.93 -11.64 -5.25
CA ILE B 280 -20.73 -12.83 -4.41
C ILE B 280 -21.88 -12.96 -3.42
N HIS B 281 -22.26 -11.84 -2.77
CA HIS B 281 -23.35 -11.82 -1.79
C HIS B 281 -24.73 -12.13 -2.39
N LYS B 282 -24.99 -11.74 -3.65
CA LYS B 282 -26.26 -12.00 -4.29
C LYS B 282 -26.33 -13.30 -5.11
N GLN B 283 -25.16 -13.87 -5.54
CA GLN B 283 -25.15 -15.05 -6.41
C GLN B 283 -24.31 -16.27 -5.97
N ALA B 284 -23.65 -16.23 -4.78
CA ALA B 284 -22.87 -17.38 -4.33
C ALA B 284 -23.76 -18.59 -3.98
N PRO B 285 -23.32 -19.86 -4.25
CA PRO B 285 -22.02 -20.28 -4.79
C PRO B 285 -21.88 -20.08 -6.32
N PRO B 286 -20.64 -19.86 -6.82
CA PRO B 286 -20.46 -19.70 -8.28
C PRO B 286 -20.34 -21.05 -9.01
N LEU B 287 -21.43 -21.85 -9.02
CA LEU B 287 -21.45 -23.17 -9.68
C LEU B 287 -21.35 -23.07 -11.22
N GLU B 288 -21.60 -21.87 -11.77
CA GLU B 288 -21.55 -21.58 -13.21
C GLU B 288 -20.11 -21.58 -13.73
N ASP B 289 -19.15 -21.31 -12.84
CA ASP B 289 -17.73 -21.22 -13.16
C ASP B 289 -16.97 -22.57 -13.05
N ILE B 290 -17.57 -23.61 -12.42
CA ILE B 290 -16.96 -24.94 -12.32
C ILE B 290 -16.81 -25.48 -13.75
N ALA B 291 -15.57 -25.89 -14.13
CA ALA B 291 -15.22 -26.42 -15.46
C ALA B 291 -16.19 -27.46 -15.98
N ASP B 292 -16.60 -27.32 -17.25
CA ASP B 292 -17.54 -28.20 -17.94
C ASP B 292 -16.99 -29.63 -18.07
N ASP B 293 -15.66 -29.77 -18.25
CA ASP B 293 -14.98 -31.05 -18.39
C ASP B 293 -14.25 -31.49 -17.12
N CYS B 294 -15.03 -31.77 -16.05
CA CYS B 294 -14.52 -32.26 -14.78
C CYS B 294 -15.37 -33.43 -14.27
N SER B 295 -14.74 -34.42 -13.60
CA SER B 295 -15.40 -35.62 -13.09
C SER B 295 -16.57 -35.31 -12.14
N PRO B 296 -17.64 -36.16 -12.09
CA PRO B 296 -18.75 -35.88 -11.18
C PRO B 296 -18.35 -35.83 -9.70
N GLY B 297 -17.32 -36.61 -9.35
CA GLY B 297 -16.75 -36.66 -8.01
C GLY B 297 -16.03 -35.38 -7.64
N MET B 298 -15.25 -34.82 -8.59
CA MET B 298 -14.53 -33.55 -8.43
C MET B 298 -15.53 -32.40 -8.34
N ARG B 299 -16.65 -32.48 -9.09
CA ARG B 299 -17.73 -31.49 -9.07
C ARG B 299 -18.44 -31.48 -7.72
N GLU B 300 -18.69 -32.68 -7.14
CA GLU B 300 -19.33 -32.84 -5.82
C GLU B 300 -18.43 -32.27 -4.70
N LEU B 301 -17.09 -32.33 -4.89
CA LEU B 301 -16.08 -31.83 -3.97
C LEU B 301 -16.07 -30.29 -3.97
N ILE B 302 -16.08 -29.66 -5.17
CA ILE B 302 -16.06 -28.20 -5.33
C ILE B 302 -17.36 -27.55 -4.84
N GLU B 303 -18.54 -28.08 -5.23
CA GLU B 303 -19.83 -27.54 -4.82
C GLU B 303 -20.08 -27.66 -3.29
N ALA B 304 -19.46 -28.66 -2.62
CA ALA B 304 -19.61 -28.85 -1.17
C ALA B 304 -18.81 -27.79 -0.42
N SER B 305 -17.57 -27.50 -0.89
CA SER B 305 -16.71 -26.48 -0.29
C SER B 305 -17.21 -25.05 -0.57
N LEU B 306 -18.07 -24.87 -1.58
CA LEU B 306 -18.59 -23.54 -1.94
C LEU B 306 -19.96 -23.24 -1.32
N GLU B 307 -20.57 -24.22 -0.64
CA GLU B 307 -21.87 -24.09 0.02
C GLU B 307 -22.06 -22.72 0.69
N ARG B 308 -23.12 -21.98 0.32
CA ARG B 308 -23.40 -20.63 0.81
C ARG B 308 -23.34 -20.54 2.36
N ASN B 309 -24.19 -21.30 3.06
CA ASN B 309 -24.22 -21.33 4.52
C ASN B 309 -22.97 -22.09 5.00
N PRO B 310 -22.05 -21.45 5.76
CA PRO B 310 -20.84 -22.16 6.22
C PRO B 310 -21.11 -23.43 7.04
N ASN B 311 -22.29 -23.55 7.66
CA ASN B 311 -22.70 -24.71 8.46
C ASN B 311 -22.83 -25.97 7.58
N HIS B 312 -23.22 -25.78 6.31
CA HIS B 312 -23.40 -26.86 5.33
C HIS B 312 -22.10 -27.16 4.59
N ARG B 313 -21.06 -26.36 4.85
CA ARG B 313 -19.72 -26.54 4.29
C ARG B 313 -19.03 -27.61 5.12
N PRO B 314 -18.40 -28.63 4.52
CA PRO B 314 -17.70 -29.64 5.33
C PRO B 314 -16.34 -29.12 5.80
N ARG B 315 -15.75 -29.83 6.76
CA ARG B 315 -14.46 -29.50 7.35
C ARG B 315 -13.34 -30.01 6.43
N ALA B 316 -12.08 -29.66 6.75
CA ALA B 316 -10.93 -30.13 5.97
C ALA B 316 -10.73 -31.63 6.17
N ALA B 317 -11.05 -32.14 7.38
CA ALA B 317 -10.97 -33.55 7.75
C ALA B 317 -11.98 -34.40 6.97
N ASP B 318 -13.20 -33.84 6.73
CA ASP B 318 -14.28 -34.49 5.97
C ASP B 318 -13.90 -34.58 4.50
N LEU B 319 -13.34 -33.48 3.95
CA LEU B 319 -12.93 -33.36 2.55
C LEU B 319 -11.81 -34.33 2.19
N LEU B 320 -10.87 -34.60 3.12
CA LEU B 320 -9.78 -35.56 2.91
C LEU B 320 -10.30 -36.98 2.71
N LYS B 321 -11.47 -37.29 3.31
CA LYS B 321 -12.13 -38.60 3.23
C LYS B 321 -12.97 -38.80 1.95
N HIS B 322 -13.15 -37.74 1.13
CA HIS B 322 -13.93 -37.75 -0.12
C HIS B 322 -13.45 -38.74 -1.17
N GLU B 323 -14.40 -39.25 -1.99
CA GLU B 323 -14.16 -40.21 -3.05
C GLU B 323 -13.27 -39.65 -4.16
N ALA B 324 -13.37 -38.33 -4.43
CA ALA B 324 -12.60 -37.62 -5.47
C ALA B 324 -11.08 -37.62 -5.21
N LEU B 325 -10.66 -37.74 -3.95
CA LEU B 325 -9.24 -37.79 -3.58
C LEU B 325 -8.76 -39.26 -3.43
N ASN B 326 -9.06 -40.08 -4.46
CA ASN B 326 -8.75 -41.51 -4.59
C ASN B 326 -9.30 -42.34 -3.45
#